data_3JRP
#
_entry.id   3JRP
#
_cell.length_a   68.280
_cell.length_b   93.878
_cell.length_c   55.047
_cell.angle_alpha   90.000
_cell.angle_beta   90.000
_cell.angle_gamma   90.000
#
_symmetry.space_group_name_H-M   'P 21 21 2'
#
loop_
_entity.id
_entity.type
_entity.pdbx_description
1 polymer 'FUSION PROTEIN OF PROTEIN TRANSPORT PROTEIN SEC13 AND NUCLEOPORIN NUP145'
2 water water
#
_entity_poly.entity_id   1
_entity_poly.type   'polypeptide(L)'
_entity_poly.pdbx_seq_one_letter_code
;GSMVVIANAHNELIHDAVLDYYGKRLATCSSDKTIKIFEVEGETHKLIDTLTGHEGPVWRVDWAHPKFGTILASCSYDGK
VLIWKEENGRWSQIAVHAVHSASVNSVQWAPHEYGPLLLVASSDGKVSVVEFKENGTTSPIIIDAHAIGVNSASWAPATI
EEDGEHNGTKESRKFVTGGADNLVKIWKYNSDAQTYVLESTLEGHSDWVRDVAWSPTVLLRSYLASVSQDRTCIIWTQDN
EQGPWKKTLLKEEKFPDVLWRASWSLSGNVLALSGGDNKVTLWKENLEGKWEPAGEVHQGGGGSGGGGATSKEFDGPCQN
EIDLLFSECNDEIDNAKLIMKERRFTASYTFAKFSTGSMLLTKDIVGKSGVSIKRLPTE
;
_entity_poly.pdbx_strand_id   A
#
# COMPACT_ATOMS: atom_id res chain seq x y z
N VAL A 5 3.55 21.46 25.19
CA VAL A 5 2.97 22.58 24.44
C VAL A 5 3.79 22.91 23.20
N ILE A 6 5.11 22.87 23.34
CA ILE A 6 6.00 23.10 22.21
C ILE A 6 6.86 21.88 21.94
N ALA A 7 6.80 21.36 20.72
CA ALA A 7 7.45 20.09 20.40
C ALA A 7 8.60 20.25 19.40
N ASN A 8 9.72 19.60 19.70
CA ASN A 8 10.85 19.53 18.79
C ASN A 8 10.95 18.15 18.17
N ALA A 9 10.65 18.06 16.87
CA ALA A 9 10.58 16.77 16.19
C ALA A 9 11.81 16.47 15.34
N HIS A 10 12.00 15.19 15.05
CA HIS A 10 13.11 14.74 14.20
C HIS A 10 12.73 14.88 12.74
N ASN A 11 13.60 14.44 11.84
CA ASN A 11 13.31 14.53 10.40
C ASN A 11 12.37 13.42 9.95
N GLU A 12 11.12 13.49 10.37
CA GLU A 12 10.12 12.50 9.98
C GLU A 12 9.48 12.81 8.63
N LEU A 13 10.14 12.36 7.57
CA LEU A 13 9.58 12.39 6.23
C LEU A 13 9.34 10.96 5.79
N ILE A 14 9.00 10.12 6.76
CA ILE A 14 8.66 8.73 6.51
C ILE A 14 7.47 8.65 5.57
N HIS A 15 7.58 7.79 4.56
CA HIS A 15 6.54 7.70 3.54
C HIS A 15 5.69 6.44 3.69
N ASP A 16 6.26 5.40 4.27
CA ASP A 16 5.53 4.14 4.43
C ASP A 16 6.09 3.29 5.56
N ALA A 17 5.24 2.43 6.10
CA ALA A 17 5.62 1.50 7.15
C ALA A 17 4.78 0.23 7.06
N VAL A 18 5.31 -0.88 7.54
CA VAL A 18 4.58 -2.15 7.52
C VAL A 18 4.97 -3.05 8.69
N LEU A 19 3.95 -3.57 9.37
CA LEU A 19 4.16 -4.47 10.50
C LEU A 19 4.07 -5.91 10.00
N ASP A 20 5.02 -6.75 10.41
CA ASP A 20 5.06 -8.12 9.94
C ASP A 20 3.86 -8.95 10.41
N TYR A 21 3.89 -10.25 10.11
CA TYR A 21 2.73 -11.11 10.29
C TYR A 21 2.35 -11.39 11.74
N TYR A 22 3.30 -11.24 12.66
CA TYR A 22 3.01 -11.44 14.08
C TYR A 22 2.88 -10.11 14.79
N GLY A 23 3.75 -9.18 14.43
CA GLY A 23 3.78 -7.87 15.07
C GLY A 23 5.06 -7.67 15.86
N LYS A 24 6.13 -8.33 15.43
CA LYS A 24 7.41 -8.25 16.12
C LYS A 24 8.45 -7.51 15.29
N ARG A 25 8.17 -7.31 14.01
CA ARG A 25 9.10 -6.61 13.14
C ARG A 25 8.41 -5.46 12.40
N LEU A 26 8.94 -4.26 12.57
CA LEU A 26 8.41 -3.08 11.88
C LEU A 26 9.42 -2.55 10.88
N ALA A 27 8.94 -2.14 9.72
CA ALA A 27 9.81 -1.58 8.69
C ALA A 27 9.25 -0.25 8.18
N THR A 28 10.10 0.76 8.14
CA THR A 28 9.72 2.07 7.62
C THR A 28 10.68 2.52 6.52
N CYS A 29 10.15 3.25 5.56
CA CYS A 29 10.97 3.82 4.50
C CYS A 29 10.66 5.31 4.39
N SER A 30 11.63 6.09 3.91
CA SER A 30 11.46 7.54 3.84
C SER A 30 12.05 8.16 2.58
N SER A 31 11.91 9.47 2.47
CA SER A 31 12.41 10.20 1.31
C SER A 31 13.92 10.29 1.30
N ASP A 32 14.54 10.14 2.46
CA ASP A 32 16.00 10.23 2.57
C ASP A 32 16.68 8.95 2.08
N LYS A 33 15.93 8.11 1.39
CA LYS A 33 16.47 6.94 0.70
C LYS A 33 16.81 5.75 1.60
N THR A 34 16.48 5.85 2.88
CA THR A 34 16.85 4.79 3.82
C THR A 34 15.65 3.96 4.31
N ILE A 35 15.93 2.70 4.63
CA ILE A 35 14.94 1.81 5.21
C ILE A 35 15.39 1.38 6.61
N LYS A 36 14.51 1.48 7.58
CA LYS A 36 14.84 1.08 8.94
C LYS A 36 14.03 -0.14 9.39
N ILE A 37 14.66 -0.98 10.19
CA ILE A 37 14.00 -2.17 10.72
C ILE A 37 13.92 -2.10 12.24
N PHE A 38 12.69 -2.16 12.76
CA PHE A 38 12.47 -2.04 14.20
C PHE A 38 12.00 -3.33 14.84
N GLU A 39 12.53 -3.62 16.02
CA GLU A 39 12.11 -4.77 16.81
C GLU A 39 10.96 -4.34 17.71
N VAL A 40 9.76 -4.80 17.38
CA VAL A 40 8.55 -4.39 18.10
C VAL A 40 8.22 -5.34 19.25
N GLU A 41 8.12 -4.77 20.45
CA GLU A 41 7.75 -5.54 21.63
C GLU A 41 7.04 -4.63 22.62
N GLY A 42 5.74 -4.86 22.80
CA GLY A 42 4.93 -4.02 23.65
C GLY A 42 4.55 -2.74 22.92
N GLU A 43 4.86 -1.60 23.53
CA GLU A 43 4.55 -0.30 22.93
C GLU A 43 5.82 0.49 22.60
N THR A 44 6.97 -0.18 22.63
CA THR A 44 8.23 0.48 22.33
C THR A 44 8.88 -0.14 21.09
N HIS A 45 9.53 0.68 20.28
CA HIS A 45 10.16 0.21 19.06
C HIS A 45 11.69 0.28 19.14
N LYS A 46 12.33 -0.84 18.86
CA LYS A 46 13.79 -0.95 18.92
C LYS A 46 14.40 -1.00 17.53
N LEU A 47 15.11 0.06 17.14
CA LEU A 47 15.84 0.03 15.88
C LEU A 47 16.93 -1.04 15.97
N ILE A 48 17.05 -1.84 14.92
CA ILE A 48 18.02 -2.94 14.92
C ILE A 48 18.92 -2.93 13.69
N ASP A 49 18.43 -2.33 12.60
CA ASP A 49 19.22 -2.28 11.37
C ASP A 49 18.69 -1.25 10.37
N THR A 50 19.61 -0.51 9.77
CA THR A 50 19.28 0.43 8.71
C THR A 50 19.71 -0.12 7.36
N LEU A 51 18.73 -0.42 6.50
CA LEU A 51 19.01 -0.98 5.19
C LEU A 51 19.24 0.12 4.17
N THR A 52 20.32 -0.01 3.40
CA THR A 52 20.70 0.99 2.43
C THR A 52 20.97 0.36 1.07
N GLY A 53 20.58 1.07 0.00
CA GLY A 53 20.81 0.58 -1.34
C GLY A 53 20.05 1.38 -2.39
N HIS A 54 18.97 2.03 -1.99
CA HIS A 54 18.19 2.84 -2.91
C HIS A 54 18.86 4.19 -3.18
N GLU A 55 18.82 4.61 -4.44
CA GLU A 55 19.44 5.86 -4.86
C GLU A 55 18.42 6.99 -4.96
N GLY A 56 17.23 6.75 -4.40
CA GLY A 56 16.18 7.75 -4.41
C GLY A 56 15.15 7.47 -3.33
N PRO A 57 14.17 8.38 -3.19
CA PRO A 57 13.10 8.24 -2.20
C PRO A 57 12.44 6.86 -2.26
N VAL A 58 12.25 6.23 -1.10
CA VAL A 58 11.56 4.94 -1.04
C VAL A 58 10.09 5.16 -0.71
N TRP A 59 9.21 4.64 -1.56
CA TRP A 59 7.78 4.90 -1.45
C TRP A 59 7.05 3.88 -0.59
N ARG A 60 7.36 2.60 -0.79
CA ARG A 60 6.63 1.54 -0.11
C ARG A 60 7.54 0.44 0.44
N VAL A 61 6.99 -0.35 1.36
CA VAL A 61 7.67 -1.53 1.90
C VAL A 61 6.60 -2.55 2.26
N ASP A 62 6.93 -3.83 2.14
CA ASP A 62 5.95 -4.88 2.42
C ASP A 62 6.60 -6.20 2.82
N TRP A 63 6.16 -6.75 3.95
CA TRP A 63 6.66 -8.04 4.42
C TRP A 63 6.02 -9.19 3.65
N ALA A 64 6.83 -10.21 3.36
CA ALA A 64 6.31 -11.45 2.79
C ALA A 64 5.77 -12.29 3.94
N HIS A 65 5.06 -13.37 3.60
CA HIS A 65 4.54 -14.27 4.63
C HIS A 65 5.69 -15.01 5.29
N PRO A 66 5.63 -15.15 6.63
CA PRO A 66 6.70 -15.79 7.40
C PRO A 66 7.05 -17.19 6.91
N LYS A 67 6.12 -17.85 6.23
CA LYS A 67 6.36 -19.20 5.74
C LYS A 67 7.38 -19.20 4.61
N PHE A 68 7.88 -18.01 4.28
CA PHE A 68 8.94 -17.88 3.29
C PHE A 68 10.20 -17.33 3.96
N GLY A 69 10.18 -17.29 5.28
CA GLY A 69 11.27 -16.69 6.04
C GLY A 69 11.00 -15.21 6.25
N THR A 70 12.03 -14.48 6.67
CA THR A 70 11.92 -13.04 6.86
C THR A 70 12.35 -12.29 5.61
N ILE A 71 11.38 -11.86 4.81
CA ILE A 71 11.65 -11.20 3.55
C ILE A 71 10.90 -9.87 3.42
N LEU A 72 11.64 -8.81 3.10
CA LEU A 72 11.05 -7.49 2.92
C LEU A 72 11.20 -7.01 1.47
N ALA A 73 10.16 -6.33 0.99
CA ALA A 73 10.19 -5.76 -0.36
C ALA A 73 10.05 -4.25 -0.29
N SER A 74 10.93 -3.54 -0.99
CA SER A 74 10.89 -2.09 -1.03
C SER A 74 11.00 -1.57 -2.45
N CYS A 75 10.27 -0.50 -2.74
CA CYS A 75 10.31 0.12 -4.06
C CYS A 75 10.70 1.60 -3.94
N SER A 76 11.30 2.14 -4.99
CA SER A 76 11.84 3.50 -4.92
C SER A 76 11.64 4.30 -6.20
N TYR A 77 11.79 5.61 -6.10
CA TYR A 77 11.71 6.51 -7.23
C TYR A 77 12.83 6.24 -8.23
N ASP A 78 13.85 5.52 -7.78
CA ASP A 78 14.98 5.17 -8.63
C ASP A 78 14.59 4.06 -9.62
N GLY A 79 13.31 3.74 -9.65
CA GLY A 79 12.77 2.77 -10.59
C GLY A 79 13.13 1.33 -10.28
N LYS A 80 13.58 1.08 -9.06
CA LYS A 80 14.01 -0.27 -8.69
C LYS A 80 13.27 -0.82 -7.47
N VAL A 81 13.13 -2.14 -7.44
CA VAL A 81 12.57 -2.84 -6.28
C VAL A 81 13.65 -3.72 -5.69
N LEU A 82 13.81 -3.65 -4.37
CA LEU A 82 14.84 -4.43 -3.69
C LEU A 82 14.24 -5.42 -2.69
N ILE A 83 14.69 -6.68 -2.79
CA ILE A 83 14.25 -7.71 -1.87
C ILE A 83 15.31 -7.96 -0.81
N TRP A 84 14.93 -7.79 0.45
CA TRP A 84 15.85 -7.96 1.56
C TRP A 84 15.48 -9.20 2.37
N LYS A 85 16.48 -9.85 2.96
CA LYS A 85 16.25 -11.05 3.75
C LYS A 85 17.18 -11.08 4.96
N GLU A 86 16.68 -11.59 6.08
CA GLU A 86 17.48 -11.71 7.29
C GLU A 86 17.88 -13.17 7.51
N GLU A 87 19.18 -13.43 7.49
CA GLU A 87 19.69 -14.77 7.75
C GLU A 87 20.55 -14.74 9.01
N ASN A 88 20.13 -15.51 10.01
CA ASN A 88 20.79 -15.52 11.32
C ASN A 88 21.12 -14.14 11.86
N GLY A 89 20.18 -13.21 11.73
CA GLY A 89 20.35 -11.86 12.24
C GLY A 89 21.05 -10.95 11.25
N ARG A 90 21.49 -11.52 10.14
CA ARG A 90 22.20 -10.77 9.11
C ARG A 90 21.27 -10.29 8.00
N TRP A 91 21.05 -8.99 7.93
CA TRP A 91 20.23 -8.40 6.88
C TRP A 91 21.03 -8.20 5.60
N SER A 92 20.64 -8.92 4.56
CA SER A 92 21.32 -8.84 3.27
C SER A 92 20.33 -8.65 2.12
N GLN A 93 20.73 -7.88 1.12
CA GLN A 93 19.95 -7.70 -0.08
C GLN A 93 20.15 -8.91 -0.99
N ILE A 94 19.06 -9.53 -1.42
CA ILE A 94 19.15 -10.78 -2.16
C ILE A 94 18.51 -10.73 -3.55
N ALA A 95 18.11 -9.53 -3.98
CA ALA A 95 17.47 -9.40 -5.29
C ALA A 95 17.32 -7.95 -5.73
N VAL A 96 17.45 -7.74 -7.04
CA VAL A 96 17.22 -6.43 -7.64
C VAL A 96 16.23 -6.55 -8.79
N HIS A 97 15.05 -5.95 -8.62
CA HIS A 97 14.02 -6.01 -9.65
C HIS A 97 13.90 -4.66 -10.36
N ALA A 98 14.70 -4.48 -11.41
CA ALA A 98 14.77 -3.21 -12.12
C ALA A 98 14.32 -3.33 -13.57
N VAL A 99 13.07 -3.74 -13.79
CA VAL A 99 12.53 -3.86 -15.13
C VAL A 99 11.83 -2.58 -15.56
N HIS A 100 11.37 -1.80 -14.59
CA HIS A 100 10.66 -0.56 -14.87
C HIS A 100 11.63 0.60 -15.11
N SER A 101 11.26 1.48 -16.05
CA SER A 101 12.12 2.60 -16.40
C SER A 101 11.63 3.91 -15.78
N ALA A 102 10.93 3.81 -14.65
CA ALA A 102 10.43 4.99 -13.96
C ALA A 102 10.06 4.66 -12.52
N SER A 103 9.87 5.71 -11.72
CA SER A 103 9.51 5.58 -10.32
C SER A 103 8.59 4.39 -10.05
N VAL A 104 9.03 3.47 -9.19
CA VAL A 104 8.20 2.37 -8.76
C VAL A 104 7.43 2.80 -7.51
N ASN A 105 6.11 2.86 -7.62
CA ASN A 105 5.28 3.52 -6.63
C ASN A 105 4.67 2.64 -5.55
N SER A 106 4.57 1.33 -5.81
CA SER A 106 4.01 0.42 -4.82
C SER A 106 4.44 -1.03 -5.01
N VAL A 107 4.51 -1.76 -3.91
CA VAL A 107 4.84 -3.18 -3.92
C VAL A 107 3.98 -3.92 -2.91
N GLN A 108 3.55 -5.12 -3.25
CA GLN A 108 2.72 -5.92 -2.36
C GLN A 108 2.80 -7.40 -2.68
N TRP A 109 3.04 -8.22 -1.66
CA TRP A 109 3.09 -9.66 -1.81
C TRP A 109 1.68 -10.22 -2.00
N ALA A 110 1.57 -11.28 -2.79
CA ALA A 110 0.30 -11.94 -3.03
C ALA A 110 -0.11 -12.77 -1.83
N PRO A 111 -1.36 -13.23 -1.80
CA PRO A 111 -1.77 -14.20 -0.78
C PRO A 111 -0.84 -15.41 -0.80
N HIS A 112 -0.43 -15.87 0.37
CA HIS A 112 0.58 -16.93 0.48
C HIS A 112 0.28 -18.15 -0.40
N GLU A 113 -0.99 -18.41 -0.65
CA GLU A 113 -1.40 -19.56 -1.44
C GLU A 113 -0.78 -19.57 -2.83
N TYR A 114 -0.43 -18.39 -3.33
CA TYR A 114 0.15 -18.28 -4.66
C TYR A 114 1.67 -18.45 -4.61
N GLY A 115 2.26 -18.21 -3.45
CA GLY A 115 3.70 -18.31 -3.28
C GLY A 115 4.33 -16.95 -3.09
N PRO A 116 5.67 -16.87 -3.22
CA PRO A 116 6.41 -15.63 -3.08
C PRO A 116 6.18 -14.73 -4.30
N LEU A 117 4.96 -14.22 -4.42
CA LEU A 117 4.52 -13.46 -5.57
C LEU A 117 4.48 -11.97 -5.26
N LEU A 118 5.23 -11.16 -6.02
CA LEU A 118 5.28 -9.72 -5.76
C LEU A 118 4.61 -8.89 -6.85
N LEU A 119 3.71 -7.99 -6.42
CA LEU A 119 3.01 -7.09 -7.33
C LEU A 119 3.64 -5.71 -7.32
N VAL A 120 3.93 -5.16 -8.51
CA VAL A 120 4.64 -3.91 -8.62
C VAL A 120 3.95 -2.90 -9.54
N ALA A 121 3.87 -1.65 -9.09
CA ALA A 121 3.29 -0.57 -9.90
C ALA A 121 4.32 0.52 -10.15
N SER A 122 4.33 1.08 -11.35
CA SER A 122 5.34 2.06 -11.73
C SER A 122 4.77 3.25 -12.50
N SER A 123 5.47 4.37 -12.45
CA SER A 123 5.06 5.58 -13.16
C SER A 123 5.32 5.45 -14.66
N ASP A 124 5.98 4.36 -15.05
CA ASP A 124 6.24 4.11 -16.46
C ASP A 124 4.99 3.55 -17.15
N GLY A 125 3.93 3.39 -16.37
CA GLY A 125 2.64 2.97 -16.90
C GLY A 125 2.42 1.47 -16.90
N LYS A 126 3.37 0.72 -16.35
CA LYS A 126 3.30 -0.73 -16.39
C LYS A 126 3.24 -1.36 -15.00
N VAL A 127 2.78 -2.61 -14.96
CA VAL A 127 2.71 -3.38 -13.73
C VAL A 127 3.41 -4.72 -13.91
N SER A 128 4.29 -5.06 -12.98
CA SER A 128 5.02 -6.32 -13.08
C SER A 128 4.63 -7.28 -11.96
N VAL A 129 4.52 -8.55 -12.32
CA VAL A 129 4.33 -9.61 -11.34
C VAL A 129 5.48 -10.62 -11.44
N VAL A 130 6.30 -10.67 -10.40
CA VAL A 130 7.46 -11.56 -10.35
C VAL A 130 7.33 -12.61 -9.25
N GLU A 131 7.27 -13.87 -9.67
CA GLU A 131 7.37 -14.95 -8.71
C GLU A 131 8.84 -15.19 -8.47
N PHE A 132 9.40 -14.57 -7.45
CA PHE A 132 10.73 -14.99 -7.08
C PHE A 132 10.54 -16.42 -6.60
N LYS A 133 11.36 -17.34 -7.10
CA LYS A 133 11.50 -18.68 -6.50
C LYS A 133 12.96 -18.91 -6.11
N GLU A 134 13.23 -19.18 -4.83
CA GLU A 134 14.62 -19.12 -4.33
C GLU A 134 15.57 -19.89 -5.23
N ASN A 135 15.12 -21.07 -5.67
CA ASN A 135 15.95 -21.99 -6.44
C ASN A 135 15.79 -21.88 -7.94
N GLY A 136 15.00 -20.90 -8.35
CA GLY A 136 15.19 -20.35 -9.67
C GLY A 136 14.31 -20.76 -10.82
N THR A 137 13.04 -21.06 -10.57
CA THR A 137 12.02 -20.89 -11.61
C THR A 137 11.35 -19.52 -11.43
N THR A 138 11.95 -18.52 -12.06
CA THR A 138 11.58 -17.13 -11.83
C THR A 138 11.62 -16.31 -13.12
N SER A 139 10.45 -16.12 -13.75
CA SER A 139 10.30 -15.15 -14.83
C SER A 139 9.23 -14.15 -14.39
N PRO A 140 9.39 -12.88 -14.75
CA PRO A 140 8.42 -11.85 -14.38
C PRO A 140 7.34 -11.73 -15.45
N ILE A 141 6.13 -11.39 -15.03
CA ILE A 141 5.07 -11.05 -15.97
C ILE A 141 4.93 -9.54 -15.99
N ILE A 142 5.08 -8.94 -17.17
CA ILE A 142 5.00 -7.49 -17.30
C ILE A 142 3.77 -7.08 -18.11
N ILE A 143 3.05 -6.07 -17.62
CA ILE A 143 1.79 -5.66 -18.23
C ILE A 143 1.68 -4.15 -18.37
N ASP A 144 1.09 -3.70 -19.48
CA ASP A 144 0.76 -2.29 -19.66
C ASP A 144 -0.60 -2.03 -19.02
N ALA A 145 -0.62 -1.21 -17.98
CA ALA A 145 -1.84 -0.97 -17.22
C ALA A 145 -2.39 0.44 -17.42
N HIS A 146 -1.62 1.44 -16.99
CA HIS A 146 -2.01 2.84 -17.14
C HIS A 146 -0.87 3.60 -17.81
N ALA A 147 -0.94 3.72 -19.13
CA ALA A 147 0.12 4.35 -19.92
C ALA A 147 0.72 5.59 -19.24
N ILE A 148 -0.15 6.44 -18.69
CA ILE A 148 0.30 7.69 -18.10
C ILE A 148 0.95 7.50 -16.72
N GLY A 149 0.96 6.26 -16.24
CA GLY A 149 1.60 5.95 -14.98
C GLY A 149 0.69 5.27 -13.98
N VAL A 150 1.20 4.26 -13.31
CA VAL A 150 0.44 3.53 -12.28
C VAL A 150 0.88 3.98 -10.89
N ASN A 151 -0.08 4.38 -10.07
CA ASN A 151 0.21 4.87 -8.73
C ASN A 151 0.14 3.79 -7.66
N SER A 152 -0.68 2.78 -7.90
CA SER A 152 -0.88 1.72 -6.91
C SER A 152 -1.51 0.45 -7.50
N ALA A 153 -1.11 -0.70 -6.96
CA ALA A 153 -1.69 -1.98 -7.34
C ALA A 153 -1.84 -2.85 -6.10
N SER A 154 -3.02 -3.46 -5.94
CA SER A 154 -3.31 -4.24 -4.75
C SER A 154 -3.96 -5.58 -5.08
N TRP A 155 -3.51 -6.64 -4.40
CA TRP A 155 -4.02 -7.98 -4.62
C TRP A 155 -5.45 -8.14 -4.11
N ALA A 156 -6.15 -9.12 -4.68
CA ALA A 156 -7.46 -9.53 -4.19
C ALA A 156 -7.28 -10.78 -3.34
N PRO A 157 -8.20 -11.01 -2.39
CA PRO A 157 -8.12 -12.19 -1.53
C PRO A 157 -8.16 -13.48 -2.33
N ALA A 158 -7.57 -14.55 -1.79
CA ALA A 158 -7.61 -15.86 -2.44
C ALA A 158 -8.98 -16.49 -2.26
N THR A 159 -9.36 -17.35 -3.19
CA THR A 159 -10.66 -18.02 -3.12
C THR A 159 -10.51 -19.46 -2.62
N LYS A 170 -5.24 -21.16 -10.70
CA LYS A 170 -4.44 -19.98 -11.02
C LYS A 170 -5.29 -18.83 -11.57
N GLU A 171 -6.24 -19.17 -12.41
CA GLU A 171 -7.07 -18.16 -13.09
C GLU A 171 -7.88 -17.32 -12.11
N SER A 172 -7.96 -17.76 -10.86
CA SER A 172 -8.75 -17.05 -9.85
C SER A 172 -7.99 -15.88 -9.23
N ARG A 173 -6.73 -15.71 -9.63
CA ARG A 173 -5.90 -14.63 -9.12
C ARG A 173 -6.33 -13.29 -9.72
N LYS A 174 -6.50 -12.29 -8.86
CA LYS A 174 -6.92 -10.96 -9.31
C LYS A 174 -6.22 -9.85 -8.54
N PHE A 175 -6.21 -8.66 -9.11
CA PHE A 175 -5.70 -7.48 -8.42
C PHE A 175 -6.20 -6.19 -9.08
N VAL A 176 -6.20 -5.10 -8.31
CA VAL A 176 -6.71 -3.83 -8.78
C VAL A 176 -5.59 -2.81 -8.91
N THR A 177 -5.73 -1.87 -9.84
CA THR A 177 -4.74 -0.82 -10.03
C THR A 177 -5.40 0.56 -10.08
N GLY A 178 -4.60 1.60 -9.84
CA GLY A 178 -5.06 2.97 -9.91
C GLY A 178 -4.02 3.83 -10.57
N GLY A 179 -4.40 4.52 -11.64
CA GLY A 179 -3.44 5.28 -12.43
C GLY A 179 -3.54 6.78 -12.33
N ALA A 180 -2.61 7.47 -12.97
CA ALA A 180 -2.60 8.93 -13.02
C ALA A 180 -3.57 9.42 -14.09
N ASP A 181 -4.27 8.48 -14.72
CA ASP A 181 -5.29 8.80 -15.70
C ASP A 181 -6.67 8.80 -15.07
N ASN A 182 -6.70 8.86 -13.74
CA ASN A 182 -7.94 8.98 -12.98
C ASN A 182 -8.75 7.68 -12.95
N LEU A 183 -8.19 6.62 -13.51
CA LEU A 183 -8.94 5.37 -13.67
C LEU A 183 -8.57 4.28 -12.66
N VAL A 184 -9.52 3.40 -12.39
CA VAL A 184 -9.29 2.21 -11.59
C VAL A 184 -9.51 0.99 -12.47
N LYS A 185 -8.54 0.09 -12.51
CA LYS A 185 -8.63 -1.07 -13.38
C LYS A 185 -8.47 -2.39 -12.61
N ILE A 186 -9.23 -3.39 -13.02
CA ILE A 186 -9.21 -4.69 -12.37
C ILE A 186 -8.67 -5.77 -13.31
N TRP A 187 -7.69 -6.53 -12.83
CA TRP A 187 -7.02 -7.52 -13.67
C TRP A 187 -7.17 -8.93 -13.11
N LYS A 188 -7.44 -9.88 -14.01
CA LYS A 188 -7.54 -11.29 -13.63
C LYS A 188 -6.53 -12.10 -14.42
N TYR A 189 -6.02 -13.17 -13.82
CA TYR A 189 -5.05 -14.03 -14.48
C TYR A 189 -5.72 -14.99 -15.46
N ASN A 190 -5.13 -15.11 -16.64
CA ASN A 190 -5.66 -16.00 -17.68
C ASN A 190 -4.63 -17.05 -18.07
N SER A 191 -4.91 -18.30 -17.75
CA SER A 191 -3.99 -19.40 -18.02
C SER A 191 -3.61 -19.50 -19.50
N ASP A 192 -4.64 -19.55 -20.36
CA ASP A 192 -4.43 -19.68 -21.80
C ASP A 192 -3.58 -18.54 -22.36
N ALA A 193 -3.76 -17.35 -21.82
CA ALA A 193 -3.03 -16.17 -22.30
C ALA A 193 -1.70 -16.01 -21.58
N GLN A 194 -1.52 -16.76 -20.51
CA GLN A 194 -0.26 -16.76 -19.74
C GLN A 194 0.03 -15.40 -19.10
N THR A 195 -1.03 -14.64 -18.79
CA THR A 195 -0.85 -13.32 -18.20
C THR A 195 -2.15 -12.79 -17.60
N TYR A 196 -2.06 -11.66 -16.92
CA TYR A 196 -3.24 -10.99 -16.36
C TYR A 196 -3.88 -10.10 -17.42
N VAL A 197 -5.20 -10.17 -17.52
CA VAL A 197 -5.93 -9.43 -18.55
C VAL A 197 -6.92 -8.43 -17.93
N LEU A 198 -7.16 -7.34 -18.66
CA LEU A 198 -8.08 -6.30 -18.19
C LEU A 198 -9.51 -6.82 -18.19
N GLU A 199 -10.13 -6.86 -17.01
CA GLU A 199 -11.48 -7.35 -16.86
C GLU A 199 -12.48 -6.23 -16.61
N SER A 200 -11.99 -5.09 -16.16
CA SER A 200 -12.86 -3.95 -15.85
C SER A 200 -12.12 -2.62 -15.76
N THR A 201 -12.78 -1.55 -16.20
CA THR A 201 -12.28 -0.20 -16.05
C THR A 201 -13.36 0.66 -15.38
N LEU A 202 -12.97 1.41 -14.36
CA LEU A 202 -13.90 2.22 -13.59
C LEU A 202 -13.49 3.69 -13.62
N GLU A 203 -14.43 4.56 -13.94
CA GLU A 203 -14.12 5.96 -14.24
C GLU A 203 -14.79 6.95 -13.30
N GLY A 204 -14.75 6.68 -12.00
CA GLY A 204 -15.42 7.52 -11.02
C GLY A 204 -14.68 8.81 -10.70
N HIS A 205 -13.35 8.76 -10.69
CA HIS A 205 -12.55 9.89 -10.25
C HIS A 205 -12.26 10.91 -11.35
N SER A 206 -12.00 12.14 -10.93
CA SER A 206 -11.70 13.23 -11.88
C SER A 206 -10.26 13.70 -11.76
N ASP A 207 -9.46 12.94 -11.02
CA ASP A 207 -8.04 13.25 -10.87
C ASP A 207 -7.27 12.01 -10.42
N TRP A 208 -5.95 12.13 -10.38
CA TRP A 208 -5.06 11.03 -9.99
C TRP A 208 -5.66 10.14 -8.90
N VAL A 209 -5.64 8.84 -9.14
CA VAL A 209 -6.00 7.88 -8.11
C VAL A 209 -4.74 7.57 -7.29
N ARG A 210 -4.74 8.01 -6.03
CA ARG A 210 -3.57 7.87 -5.18
C ARG A 210 -3.34 6.45 -4.69
N ASP A 211 -4.42 5.73 -4.42
CA ASP A 211 -4.31 4.40 -3.85
C ASP A 211 -5.60 3.60 -4.03
N VAL A 212 -5.45 2.29 -4.18
CA VAL A 212 -6.60 1.40 -4.27
C VAL A 212 -6.41 0.23 -3.31
N ALA A 213 -7.49 -0.20 -2.66
CA ALA A 213 -7.42 -1.27 -1.69
C ALA A 213 -8.54 -2.29 -1.88
N TRP A 214 -8.16 -3.56 -1.97
CA TRP A 214 -9.13 -4.64 -2.10
C TRP A 214 -9.37 -5.28 -0.74
N SER A 215 -10.62 -5.22 -0.28
CA SER A 215 -10.98 -5.76 1.03
C SER A 215 -10.85 -7.28 1.08
N PRO A 216 -10.30 -7.79 2.19
CA PRO A 216 -10.15 -9.24 2.41
C PRO A 216 -11.45 -9.89 2.84
N THR A 217 -12.45 -9.09 3.20
CA THR A 217 -13.74 -9.63 3.65
C THR A 217 -14.25 -10.68 2.67
N VAL A 218 -14.77 -11.77 3.22
CA VAL A 218 -15.22 -12.90 2.40
C VAL A 218 -16.72 -13.14 2.50
N LEU A 219 -17.49 -12.28 1.84
CA LEU A 219 -18.94 -12.44 1.79
C LEU A 219 -19.46 -12.28 0.38
N LEU A 220 -20.77 -12.10 0.25
CA LEU A 220 -21.43 -11.92 -1.05
C LEU A 220 -20.65 -10.97 -1.95
N ARG A 221 -20.64 -9.70 -1.59
CA ARG A 221 -20.02 -8.67 -2.42
C ARG A 221 -18.51 -8.69 -2.32
N SER A 222 -17.85 -8.02 -3.27
CA SER A 222 -16.43 -7.71 -3.16
C SER A 222 -16.31 -6.24 -2.85
N TYR A 223 -15.47 -5.90 -1.87
CA TYR A 223 -15.31 -4.51 -1.46
C TYR A 223 -14.02 -3.91 -1.97
N LEU A 224 -14.12 -2.72 -2.56
CA LEU A 224 -12.99 -2.07 -3.20
C LEU A 224 -13.01 -0.58 -2.87
N ALA A 225 -11.86 -0.03 -2.47
CA ALA A 225 -11.79 1.37 -2.09
C ALA A 225 -10.75 2.13 -2.91
N SER A 226 -11.19 3.18 -3.61
CA SER A 226 -10.30 4.01 -4.39
C SER A 226 -10.20 5.41 -3.79
N VAL A 227 -8.97 5.93 -3.74
CA VAL A 227 -8.70 7.23 -3.16
C VAL A 227 -8.01 8.13 -4.18
N SER A 228 -8.47 9.37 -4.30
CA SER A 228 -8.03 10.24 -5.39
C SER A 228 -7.55 11.63 -4.98
N GLN A 229 -6.87 12.30 -5.91
CA GLN A 229 -6.38 13.65 -5.72
C GLN A 229 -7.54 14.65 -5.78
N ASP A 230 -8.70 14.18 -6.19
CA ASP A 230 -9.88 15.04 -6.30
C ASP A 230 -10.62 15.16 -4.97
N ARG A 231 -9.99 14.67 -3.91
CA ARG A 231 -10.51 14.81 -2.55
C ARG A 231 -11.75 13.97 -2.28
N THR A 232 -11.90 12.87 -3.00
CA THR A 232 -13.03 11.96 -2.79
C THR A 232 -12.58 10.52 -2.65
N CYS A 233 -13.40 9.72 -1.98
CA CYS A 233 -13.15 8.29 -1.88
C CYS A 233 -14.33 7.52 -2.44
N ILE A 234 -14.05 6.47 -3.22
CA ILE A 234 -15.11 5.68 -3.82
C ILE A 234 -15.04 4.21 -3.40
N ILE A 235 -16.16 3.67 -2.95
CA ILE A 235 -16.26 2.26 -2.64
C ILE A 235 -16.89 1.53 -3.82
N TRP A 236 -16.17 0.55 -4.37
CA TRP A 236 -16.66 -0.23 -5.49
C TRP A 236 -17.13 -1.60 -5.01
N THR A 237 -18.27 -2.05 -5.54
CA THR A 237 -18.88 -3.30 -5.09
C THR A 237 -19.23 -4.22 -6.25
N GLN A 238 -19.14 -5.53 -6.01
CA GLN A 238 -19.52 -6.53 -7.00
C GLN A 238 -20.13 -7.75 -6.32
N ASP A 239 -21.43 -7.95 -6.51
CA ASP A 239 -22.14 -9.05 -5.85
C ASP A 239 -21.76 -10.40 -6.46
N ASN A 240 -22.00 -10.56 -7.75
CA ASN A 240 -21.62 -11.80 -8.44
C ASN A 240 -20.28 -11.65 -9.18
N GLU A 241 -19.50 -12.72 -9.19
CA GLU A 241 -18.13 -12.69 -9.68
C GLU A 241 -17.95 -12.14 -11.10
N GLN A 242 -18.99 -12.21 -11.92
CA GLN A 242 -18.89 -11.74 -13.29
C GLN A 242 -19.72 -10.47 -13.51
N GLY A 243 -20.55 -10.15 -12.52
CA GLY A 243 -21.43 -8.99 -12.61
C GLY A 243 -20.67 -7.67 -12.74
N PRO A 244 -21.42 -6.57 -12.84
CA PRO A 244 -20.84 -5.22 -12.96
C PRO A 244 -20.21 -4.75 -11.67
N TRP A 245 -19.71 -3.52 -11.66
CA TRP A 245 -19.14 -2.91 -10.47
C TRP A 245 -19.91 -1.66 -10.08
N LYS A 246 -20.42 -1.64 -8.85
CA LYS A 246 -21.22 -0.51 -8.38
C LYS A 246 -20.33 0.60 -7.81
N LYS A 247 -20.66 1.84 -8.16
CA LYS A 247 -19.91 2.99 -7.70
C LYS A 247 -20.64 3.69 -6.55
N THR A 248 -19.93 3.90 -5.45
CA THR A 248 -20.53 4.51 -4.26
C THR A 248 -19.56 5.40 -3.50
N LEU A 249 -19.77 6.71 -3.57
CA LEU A 249 -18.97 7.66 -2.80
C LEU A 249 -19.08 7.35 -1.31
N LEU A 250 -17.94 7.38 -0.62
CA LEU A 250 -17.91 7.16 0.82
C LEU A 250 -18.90 8.12 1.49
N LYS A 251 -18.70 9.41 1.27
CA LYS A 251 -19.66 10.41 1.71
C LYS A 251 -20.05 11.29 0.52
N GLU A 252 -21.14 12.03 0.67
CA GLU A 252 -21.72 12.76 -0.44
C GLU A 252 -20.87 13.94 -0.95
N GLU A 253 -20.26 14.67 -0.02
CA GLU A 253 -19.46 15.84 -0.40
C GLU A 253 -17.97 15.52 -0.38
N LYS A 254 -17.18 16.41 -0.99
CA LYS A 254 -15.73 16.23 -1.06
C LYS A 254 -15.06 16.44 0.30
N PHE A 255 -13.96 15.74 0.52
CA PHE A 255 -13.16 15.93 1.73
C PHE A 255 -12.38 17.24 1.62
N PRO A 256 -12.04 17.84 2.78
CA PRO A 256 -11.32 19.11 2.81
C PRO A 256 -10.02 19.09 2.00
N ASP A 257 -9.37 17.93 1.92
CA ASP A 257 -8.09 17.85 1.22
C ASP A 257 -7.88 16.51 0.52
N VAL A 258 -6.69 16.34 -0.04
CA VAL A 258 -6.33 15.15 -0.82
C VAL A 258 -6.31 13.87 0.00
N LEU A 259 -6.80 12.78 -0.59
CA LEU A 259 -6.70 11.47 0.04
C LEU A 259 -5.47 10.76 -0.53
N TRP A 260 -4.71 10.11 0.33
CA TRP A 260 -3.45 9.50 -0.09
C TRP A 260 -3.46 7.98 -0.02
N ARG A 261 -4.08 7.43 1.03
CA ARG A 261 -4.05 5.99 1.25
C ARG A 261 -5.40 5.44 1.68
N ALA A 262 -5.58 4.14 1.47
CA ALA A 262 -6.76 3.42 1.95
C ALA A 262 -6.35 2.01 2.34
N SER A 263 -6.92 1.48 3.42
CA SER A 263 -6.55 0.16 3.92
C SER A 263 -7.70 -0.54 4.62
N TRP A 264 -7.98 -1.77 4.20
CA TRP A 264 -9.04 -2.56 4.82
C TRP A 264 -8.49 -3.42 5.95
N SER A 265 -9.23 -3.51 7.04
CA SER A 265 -8.89 -4.42 8.11
C SER A 265 -9.07 -5.85 7.61
N LEU A 266 -8.30 -6.78 8.18
CA LEU A 266 -8.35 -8.17 7.72
C LEU A 266 -9.63 -8.88 8.13
N SER A 267 -10.52 -8.13 8.80
CA SER A 267 -11.81 -8.66 9.21
C SER A 267 -12.68 -7.53 9.74
N GLY A 268 -13.99 -7.69 9.61
CA GLY A 268 -14.92 -6.66 10.05
C GLY A 268 -15.13 -5.60 8.98
N ASN A 269 -14.35 -5.69 7.90
CA ASN A 269 -14.52 -4.81 6.76
C ASN A 269 -14.50 -3.33 7.13
N VAL A 270 -13.53 -2.93 7.94
CA VAL A 270 -13.38 -1.53 8.33
C VAL A 270 -12.34 -0.84 7.44
N LEU A 271 -12.63 0.39 7.03
CA LEU A 271 -11.78 1.12 6.10
C LEU A 271 -11.02 2.25 6.78
N ALA A 272 -9.72 2.33 6.52
CA ALA A 272 -8.88 3.39 7.09
C ALA A 272 -8.40 4.35 6.01
N LEU A 273 -8.76 5.62 6.15
CA LEU A 273 -8.38 6.64 5.18
C LEU A 273 -7.23 7.53 5.65
N SER A 274 -6.29 7.76 4.74
CA SER A 274 -5.22 8.72 4.98
C SER A 274 -5.46 9.93 4.09
N GLY A 275 -5.60 11.10 4.70
CA GLY A 275 -5.91 12.30 3.96
C GLY A 275 -7.38 12.65 4.10
N GLY A 276 -7.81 13.71 3.41
CA GLY A 276 -9.18 14.17 3.52
C GLY A 276 -9.32 15.17 4.66
N ASP A 277 -9.56 14.66 5.86
CA ASP A 277 -9.55 15.50 7.05
C ASP A 277 -8.20 15.39 7.74
N ASN A 278 -7.94 16.30 8.68
CA ASN A 278 -6.66 16.38 9.37
C ASN A 278 -6.38 15.22 10.32
N LYS A 279 -7.02 14.08 10.08
CA LYS A 279 -6.83 12.90 10.92
C LYS A 279 -7.15 11.62 10.15
N VAL A 280 -6.45 10.55 10.48
CA VAL A 280 -6.74 9.25 9.89
C VAL A 280 -8.11 8.75 10.35
N THR A 281 -9.08 8.76 9.44
CA THR A 281 -10.45 8.41 9.79
C THR A 281 -10.80 6.97 9.42
N LEU A 282 -11.53 6.31 10.31
CA LEU A 282 -11.99 4.95 10.08
C LEU A 282 -13.45 4.96 9.66
N TRP A 283 -13.83 3.99 8.83
CA TRP A 283 -15.20 3.92 8.32
C TRP A 283 -15.72 2.49 8.30
N LYS A 284 -16.92 2.29 8.81
CA LYS A 284 -17.56 0.98 8.77
C LYS A 284 -18.94 1.09 8.13
N GLU A 285 -19.40 -0.01 7.56
CA GLU A 285 -20.71 -0.07 6.92
C GLU A 285 -21.65 -0.92 7.77
N ASN A 286 -22.76 -0.33 8.23
CA ASN A 286 -23.66 -1.04 9.12
C ASN A 286 -25.10 -1.15 8.64
N LEU A 287 -25.43 -0.40 7.59
CA LEU A 287 -26.69 -0.56 6.90
C LEU A 287 -26.37 -0.70 5.42
N GLU A 288 -27.32 -1.22 4.65
CA GLU A 288 -27.06 -1.46 3.23
C GLU A 288 -26.49 -0.23 2.54
N GLY A 289 -25.24 -0.34 2.09
CA GLY A 289 -24.61 0.72 1.33
C GLY A 289 -24.51 2.08 2.01
N LYS A 290 -24.49 2.09 3.34
CA LYS A 290 -24.25 3.34 4.08
C LYS A 290 -22.95 3.28 4.85
N TRP A 291 -22.09 4.26 4.60
CA TRP A 291 -20.78 4.35 5.26
C TRP A 291 -20.75 5.52 6.23
N GLU A 292 -20.28 5.26 7.45
CA GLU A 292 -20.23 6.28 8.48
C GLU A 292 -18.95 6.12 9.31
N PRO A 293 -18.44 7.23 9.84
CA PRO A 293 -17.22 7.20 10.66
C PRO A 293 -17.34 6.18 11.79
N ALA A 294 -16.26 5.45 12.04
CA ALA A 294 -16.26 4.41 13.07
C ALA A 294 -15.08 4.56 14.01
N GLY A 295 -14.33 5.66 13.85
CA GLY A 295 -13.17 5.91 14.66
C GLY A 295 -12.20 6.86 13.99
N GLU A 296 -11.15 7.25 14.71
CA GLU A 296 -10.17 8.18 14.20
C GLU A 296 -8.86 8.10 14.98
N VAL A 297 -7.78 8.59 14.38
CA VAL A 297 -6.47 8.60 15.03
C VAL A 297 -5.73 9.89 14.74
N HIS A 298 -5.08 10.44 15.76
CA HIS A 298 -4.31 11.68 15.61
C HIS A 298 -2.81 11.38 15.55
N ASP A 315 16.55 19.97 12.54
CA ASP A 315 15.41 19.62 13.39
C ASP A 315 14.29 20.63 13.25
N GLY A 316 13.05 20.15 13.30
CA GLY A 316 11.89 21.02 13.14
C GLY A 316 11.17 21.25 14.47
N PRO A 317 10.81 22.50 14.72
CA PRO A 317 10.11 22.88 15.94
C PRO A 317 8.73 23.45 15.63
N CYS A 318 7.69 22.74 16.04
CA CYS A 318 6.32 23.17 15.78
C CYS A 318 5.51 23.28 17.08
N GLN A 319 5.59 24.43 17.72
CA GLN A 319 4.86 24.67 18.96
C GLN A 319 3.35 24.67 18.73
N ASP A 334 16.21 17.80 1.36
CA ASP A 334 16.83 18.61 0.32
C ASP A 334 16.05 18.53 -0.99
N ASN A 335 16.45 17.61 -1.85
CA ASN A 335 15.82 17.48 -3.16
C ASN A 335 14.43 16.85 -3.12
N ALA A 336 14.08 16.28 -1.97
CA ALA A 336 12.76 15.67 -1.81
C ALA A 336 11.67 16.61 -2.31
N LYS A 337 11.94 17.91 -2.22
CA LYS A 337 11.02 18.94 -2.68
C LYS A 337 10.61 18.76 -4.14
N LEU A 338 11.59 18.70 -5.03
CA LEU A 338 11.33 18.57 -6.46
C LEU A 338 10.60 17.27 -6.77
N ILE A 339 11.17 16.17 -6.30
CA ILE A 339 10.62 14.84 -6.57
C ILE A 339 9.18 14.73 -6.08
N MET A 340 8.82 15.52 -5.07
CA MET A 340 7.47 15.53 -4.55
C MET A 340 6.54 16.45 -5.33
N LYS A 341 7.12 17.39 -6.07
CA LYS A 341 6.34 18.26 -6.95
C LYS A 341 5.80 17.43 -8.11
N GLU A 342 6.72 16.70 -8.77
CA GLU A 342 6.37 15.80 -9.84
C GLU A 342 5.49 14.67 -9.31
N ARG A 343 5.78 14.24 -8.09
CA ARG A 343 5.05 13.16 -7.46
C ARG A 343 3.73 13.69 -6.89
N ARG A 344 3.57 15.01 -6.96
CA ARG A 344 2.35 15.69 -6.52
C ARG A 344 1.99 15.45 -5.05
N PHE A 345 2.99 15.11 -4.23
CA PHE A 345 2.77 14.98 -2.79
C PHE A 345 2.77 16.35 -2.13
N THR A 346 1.96 16.50 -1.09
CA THR A 346 1.89 17.78 -0.37
C THR A 346 2.37 17.61 1.08
N ALA A 347 2.19 18.65 1.87
CA ALA A 347 2.61 18.63 3.26
C ALA A 347 1.63 17.85 4.13
N SER A 348 0.40 17.70 3.64
CA SER A 348 -0.65 17.01 4.39
C SER A 348 -0.62 15.51 4.14
N TYR A 349 0.45 15.03 3.52
CA TYR A 349 0.56 13.59 3.25
C TYR A 349 0.68 12.79 4.54
N THR A 350 -0.03 11.67 4.59
CA THR A 350 0.02 10.77 5.73
C THR A 350 -0.31 9.37 5.26
N PHE A 351 -0.06 8.38 6.12
CA PHE A 351 -0.41 7.01 5.78
C PHE A 351 -0.95 6.24 6.98
N ALA A 352 -1.60 5.13 6.72
CA ALA A 352 -2.14 4.26 7.75
C ALA A 352 -2.45 2.90 7.13
N LYS A 353 -2.14 1.84 7.86
CA LYS A 353 -2.27 0.49 7.30
C LYS A 353 -2.76 -0.49 8.36
N PHE A 354 -3.70 -1.35 7.98
CA PHE A 354 -4.12 -2.43 8.85
C PHE A 354 -3.16 -3.60 8.72
N SER A 355 -3.09 -4.41 9.77
CA SER A 355 -2.18 -5.56 9.80
C SER A 355 -2.84 -6.72 10.52
N THR A 356 -2.32 -7.92 10.30
CA THR A 356 -2.81 -9.09 11.01
C THR A 356 -2.67 -8.86 12.50
N GLY A 357 -3.49 -9.54 13.30
CA GLY A 357 -3.51 -9.30 14.72
C GLY A 357 -4.38 -8.11 15.06
N SER A 358 -5.01 -7.56 14.02
CA SER A 358 -5.97 -6.46 14.19
C SER A 358 -5.29 -5.16 14.58
N MET A 359 -4.14 -4.89 13.95
CA MET A 359 -3.35 -3.70 14.27
C MET A 359 -3.50 -2.61 13.21
N LEU A 360 -3.37 -1.36 13.63
CA LEU A 360 -3.37 -0.24 12.70
C LEU A 360 -2.16 0.65 12.96
N LEU A 361 -1.29 0.77 11.97
CA LEU A 361 -0.11 1.62 12.09
C LEU A 361 -0.28 2.93 11.34
N THR A 362 -0.07 4.04 12.04
CA THR A 362 -0.20 5.36 11.43
C THR A 362 1.10 6.15 11.58
N LYS A 363 1.22 7.23 10.83
CA LYS A 363 2.40 8.08 10.89
C LYS A 363 2.37 8.97 12.14
N ASP A 364 3.47 8.94 12.90
CA ASP A 364 3.56 9.72 14.12
C ASP A 364 4.96 10.32 14.28
N ILE A 365 5.12 11.55 13.82
CA ILE A 365 6.44 12.19 13.77
C ILE A 365 7.06 12.46 15.14
N VAL A 366 6.42 11.95 16.20
CA VAL A 366 6.92 12.17 17.56
C VAL A 366 7.50 10.88 18.15
N GLY A 367 7.07 9.75 17.62
CA GLY A 367 7.56 8.46 18.09
C GLY A 367 9.03 8.25 17.80
N LYS A 368 9.63 7.25 18.46
CA LYS A 368 11.02 6.91 18.25
C LYS A 368 11.24 6.45 16.81
N SER A 369 10.27 5.69 16.31
CA SER A 369 10.33 5.17 14.94
C SER A 369 9.55 6.05 13.98
N GLY A 370 8.78 6.98 14.52
CA GLY A 370 7.96 7.86 13.72
C GLY A 370 6.64 7.20 13.33
N VAL A 371 6.31 6.11 14.02
CA VAL A 371 5.11 5.36 13.72
C VAL A 371 4.40 4.88 15.00
N SER A 372 3.08 5.02 15.02
CA SER A 372 2.29 4.54 16.15
C SER A 372 1.50 3.29 15.76
N ILE A 373 1.38 2.36 16.69
CA ILE A 373 0.67 1.12 16.43
C ILE A 373 -0.37 0.83 17.51
N LYS A 374 -1.65 0.92 17.14
CA LYS A 374 -2.74 0.64 18.06
C LYS A 374 -3.46 -0.64 17.65
N ARG A 375 -3.64 -1.57 18.58
CA ARG A 375 -4.48 -2.73 18.32
C ARG A 375 -5.92 -2.25 18.30
N LEU A 376 -6.70 -2.76 17.35
CA LEU A 376 -8.06 -2.27 17.15
C LEU A 376 -9.03 -3.40 16.85
N PRO A 377 -9.95 -3.66 17.79
CA PRO A 377 -11.00 -4.67 17.60
C PRO A 377 -11.92 -4.27 16.45
N THR A 378 -12.10 -5.17 15.48
CA THR A 378 -12.93 -4.86 14.32
C THR A 378 -13.90 -6.00 13.98
N GLU A 379 -15.18 -5.76 14.22
CA GLU A 379 -16.22 -6.75 13.94
C GLU A 379 -17.48 -6.08 13.40
#